data_7ZWN
#
_entry.id   7ZWN
#
_cell.length_a   66.453
_cell.length_b   66.453
_cell.length_c   151.203
_cell.angle_alpha   90.000
_cell.angle_beta   90.000
_cell.angle_gamma   120.000
#
_symmetry.space_group_name_H-M   'P 61 2 2'
#
loop_
_entity.id
_entity.type
_entity.pdbx_description
1 polymer 'B-cell lymphoma 6 protein'
2 polymer ALA-TRP-VAL-ILE-PRO-ALA
3 non-polymer 1,2-ETHANEDIOL
4 non-polymer 'DIMETHYL SULFOXIDE'
5 water water
#
loop_
_entity_poly.entity_id
_entity_poly.type
_entity_poly.pdbx_seq_one_letter_code
_entity_poly.pdbx_strand_id
1 'polypeptide(L)'
;GPGADSCIQFTRHASDVLLNLNRLRSRDILTDVVIVVSREQFRAHKTVLMACSGLFYSIFTDQLKCNLSVINLDPEINPE
GFCILLDFMYTSRLNLREGNIMAVMATAMYLQMEHVVDTCRKFIKASE
;
A
2 'polypeptide(L)' AWVIPA B,C
#
loop_
_chem_comp.id
_chem_comp.type
_chem_comp.name
_chem_comp.formula
DMS non-polymer 'DIMETHYL SULFOXIDE' 'C2 H6 O S'
EDO non-polymer 1,2-ETHANEDIOL 'C2 H6 O2'
#
# COMPACT_ATOMS: atom_id res chain seq x y z
N ASP A 5 20.06 0.85 22.54
CA ASP A 5 21.15 0.41 23.41
C ASP A 5 20.59 -0.44 24.55
N SER A 6 20.01 0.21 25.58
CA SER A 6 19.36 -0.45 26.71
C SER A 6 17.85 -0.63 26.37
N CYS A 7 17.50 -0.54 25.07
CA CYS A 7 16.13 -0.65 24.59
C CYS A 7 15.59 -2.06 24.69
N ILE A 8 14.31 -2.18 25.00
CA ILE A 8 13.58 -3.44 24.92
C ILE A 8 12.65 -3.26 23.77
N GLN A 9 12.15 -4.35 23.21
CA GLN A 9 11.27 -4.24 22.07
C GLN A 9 10.00 -5.04 22.25
N PHE A 10 8.85 -4.46 21.87
CA PHE A 10 7.57 -5.15 21.92
C PHE A 10 7.41 -5.73 20.51
N THR A 11 7.61 -7.06 20.40
CA THR A 11 7.55 -7.82 19.14
C THR A 11 6.34 -7.51 18.26
N ARG A 12 5.14 -7.47 18.85
CA ARG A 12 3.89 -7.26 18.09
C ARG A 12 3.56 -5.81 17.81
N HIS A 13 4.40 -4.87 18.26
CA HIS A 13 4.10 -3.44 18.13
C HIS A 13 3.78 -2.99 16.72
N ALA A 14 4.70 -3.25 15.77
CA ALA A 14 4.51 -2.78 14.39
C ALA A 14 3.25 -3.39 13.73
N SER A 15 2.98 -4.69 13.98
N SER A 15 2.99 -4.69 14.00
CA SER A 15 1.80 -5.35 13.41
CA SER A 15 1.81 -5.40 13.48
C SER A 15 0.52 -4.86 14.12
C SER A 15 0.53 -4.89 14.13
N ASP A 16 0.59 -4.52 15.43
CA ASP A 16 -0.57 -3.99 16.18
C ASP A 16 -0.89 -2.59 15.65
N VAL A 17 0.14 -1.76 15.41
CA VAL A 17 0.00 -0.42 14.82
C VAL A 17 -0.71 -0.55 13.46
N LEU A 18 -0.21 -1.42 12.58
CA LEU A 18 -0.79 -1.69 11.25
C LEU A 18 -2.26 -2.14 11.30
N LEU A 19 -2.59 -3.07 12.20
CA LEU A 19 -3.95 -3.57 12.43
C LEU A 19 -4.85 -2.42 12.88
N ASN A 20 -4.36 -1.55 13.78
CA ASN A 20 -5.10 -0.38 14.27
C ASN A 20 -5.29 0.66 13.18
N LEU A 21 -4.29 0.85 12.30
CA LEU A 21 -4.41 1.77 11.16
C LEU A 21 -5.48 1.25 10.20
N ASN A 22 -5.50 -0.07 9.98
CA ASN A 22 -6.52 -0.69 9.12
C ASN A 22 -7.93 -0.55 9.70
N ARG A 23 -8.07 -0.63 11.05
CA ARG A 23 -9.35 -0.43 11.73
C ARG A 23 -9.80 1.03 11.54
N LEU A 24 -8.87 1.99 11.64
CA LEU A 24 -9.19 3.41 11.39
C LEU A 24 -9.69 3.57 9.95
N ARG A 25 -8.99 3.00 8.95
CA ARG A 25 -9.42 3.05 7.55
C ARG A 25 -10.82 2.47 7.41
N SER A 26 -11.03 1.26 7.95
CA SER A 26 -12.31 0.55 7.91
C SER A 26 -13.47 1.39 8.52
N ARG A 27 -13.19 2.16 9.58
CA ARG A 27 -14.20 2.98 10.25
C ARG A 27 -14.23 4.42 9.70
N ASP A 28 -13.41 4.70 8.68
CA ASP A 28 -13.28 6.02 8.02
C ASP A 28 -12.82 7.12 9.01
N ILE A 29 -11.93 6.74 9.93
CA ILE A 29 -11.43 7.69 10.94
C ILE A 29 -10.12 8.32 10.43
N LEU A 30 -10.14 9.66 10.32
CA LEU A 30 -9.01 10.49 9.93
C LEU A 30 -8.44 10.18 8.55
N THR A 31 -9.22 9.50 7.69
CA THR A 31 -8.80 9.25 6.30
C THR A 31 -8.74 10.66 5.66
N ASP A 32 -7.76 10.91 4.83
CA ASP A 32 -7.56 12.26 4.32
C ASP A 32 -7.39 12.30 2.82
N VAL A 33 -7.64 11.18 2.14
CA VAL A 33 -7.54 11.16 0.68
C VAL A 33 -8.50 10.12 0.13
N VAL A 34 -9.01 10.37 -1.08
CA VAL A 34 -9.83 9.45 -1.86
C VAL A 34 -9.00 9.11 -3.13
N ILE A 35 -8.69 7.82 -3.32
CA ILE A 35 -7.98 7.36 -4.52
C ILE A 35 -9.08 6.87 -5.48
N VAL A 36 -9.17 7.46 -6.69
CA VAL A 36 -10.17 7.11 -7.70
C VAL A 36 -9.50 6.22 -8.76
N VAL A 37 -10.07 5.02 -8.98
CA VAL A 37 -9.54 4.04 -9.93
C VAL A 37 -10.72 3.57 -10.78
N SER A 38 -10.75 4.03 -12.04
N SER A 38 -10.77 4.00 -12.04
CA SER A 38 -11.81 3.82 -13.04
CA SER A 38 -11.82 3.69 -13.02
C SER A 38 -13.22 3.85 -12.42
C SER A 38 -13.25 3.82 -12.41
N ARG A 39 -13.55 5.02 -11.85
CA ARG A 39 -14.84 5.41 -11.22
C ARG A 39 -15.14 4.72 -9.87
N GLU A 40 -14.16 4.01 -9.29
CA GLU A 40 -14.32 3.42 -7.96
C GLU A 40 -13.44 4.19 -7.01
N GLN A 41 -13.96 4.49 -5.82
CA GLN A 41 -13.28 5.30 -4.83
C GLN A 41 -12.79 4.50 -3.65
N PHE A 42 -11.55 4.77 -3.19
CA PHE A 42 -10.95 4.09 -2.07
C PHE A 42 -10.44 5.14 -1.10
N ARG A 43 -10.96 5.13 0.13
CA ARG A 43 -10.50 6.08 1.14
C ARG A 43 -9.26 5.54 1.84
N ALA A 44 -8.32 6.43 2.21
CA ALA A 44 -7.08 5.98 2.85
C ALA A 44 -6.45 7.11 3.62
N HIS A 45 -5.28 6.82 4.23
CA HIS A 45 -4.47 7.79 4.96
C HIS A 45 -3.24 8.00 4.10
N LYS A 46 -2.96 9.25 3.73
CA LYS A 46 -1.81 9.64 2.88
C LYS A 46 -0.50 9.11 3.47
N THR A 47 -0.32 9.21 4.81
CA THR A 47 0.92 8.72 5.47
C THR A 47 1.17 7.24 5.24
N VAL A 48 0.13 6.41 5.28
CA VAL A 48 0.26 4.96 5.04
C VAL A 48 0.63 4.73 3.56
N LEU A 49 -0.01 5.44 2.63
CA LEU A 49 0.28 5.29 1.19
C LEU A 49 1.73 5.66 0.90
N MET A 50 2.22 6.76 1.50
CA MET A 50 3.60 7.24 1.35
C MET A 50 4.58 6.25 1.94
N ALA A 51 4.20 5.62 3.06
CA ALA A 51 5.06 4.66 3.75
C ALA A 51 5.18 3.31 3.00
N CYS A 52 4.33 3.07 1.97
CA CYS A 52 4.32 1.80 1.23
C CYS A 52 4.70 1.90 -0.23
N SER A 53 4.44 3.06 -0.86
CA SER A 53 4.55 3.21 -2.31
C SER A 53 5.41 4.40 -2.73
N GLY A 54 6.35 4.15 -3.63
CA GLY A 54 7.23 5.20 -4.16
C GLY A 54 6.44 6.25 -4.92
N LEU A 55 5.37 5.81 -5.64
CA LEU A 55 4.51 6.74 -6.37
C LEU A 55 3.77 7.67 -5.38
N PHE A 56 3.14 7.11 -4.34
CA PHE A 56 2.43 7.95 -3.37
C PHE A 56 3.38 8.82 -2.58
N TYR A 57 4.61 8.34 -2.35
CA TYR A 57 5.62 9.15 -1.66
C TYR A 57 5.94 10.40 -2.51
N SER A 58 6.10 10.24 -3.84
N SER A 58 6.09 10.23 -3.84
CA SER A 58 6.40 11.36 -4.75
CA SER A 58 6.40 11.31 -4.78
C SER A 58 5.23 12.33 -4.87
C SER A 58 5.23 12.31 -4.87
N ILE A 59 3.99 11.81 -4.93
CA ILE A 59 2.76 12.63 -5.01
C ILE A 59 2.62 13.52 -3.74
N PHE A 60 2.62 12.90 -2.54
CA PHE A 60 2.34 13.63 -1.32
C PHE A 60 3.52 14.42 -0.75
N THR A 61 4.72 14.36 -1.38
CA THR A 61 5.83 15.24 -0.97
C THR A 61 5.85 16.43 -1.95
N ASP A 62 5.01 16.40 -2.99
CA ASP A 62 4.92 17.54 -3.90
C ASP A 62 4.14 18.66 -3.18
N GLN A 63 4.68 19.86 -3.21
CA GLN A 63 4.10 21.04 -2.56
C GLN A 63 2.65 21.36 -2.99
N LEU A 64 2.21 20.95 -4.19
CA LEU A 64 0.83 21.18 -4.62
C LEU A 64 -0.06 19.97 -4.43
N LYS A 65 0.44 18.77 -4.79
CA LYS A 65 -0.36 17.54 -4.70
C LYS A 65 -0.63 17.11 -3.26
N CYS A 66 0.22 17.53 -2.29
CA CYS A 66 0.04 17.19 -0.87
C CYS A 66 -1.30 17.69 -0.31
N ASN A 67 -1.83 18.78 -0.90
CA ASN A 67 -3.08 19.44 -0.51
C ASN A 67 -4.34 18.84 -1.15
N LEU A 68 -4.19 17.94 -2.11
CA LEU A 68 -5.38 17.36 -2.77
C LEU A 68 -6.05 16.32 -1.88
N SER A 69 -7.38 16.30 -1.87
CA SER A 69 -8.20 15.35 -1.12
CA SER A 69 -8.13 15.31 -1.10
C SER A 69 -8.59 14.18 -2.03
N VAL A 70 -8.41 14.36 -3.35
CA VAL A 70 -8.79 13.35 -4.36
C VAL A 70 -7.59 13.14 -5.30
N ILE A 71 -7.16 11.87 -5.50
CA ILE A 71 -6.08 11.52 -6.44
C ILE A 71 -6.63 10.52 -7.47
N ASN A 72 -6.58 10.88 -8.77
CA ASN A 72 -7.08 9.97 -9.81
C ASN A 72 -5.91 9.20 -10.39
N LEU A 73 -6.06 7.90 -10.46
CA LEU A 73 -5.02 7.08 -11.05
C LEU A 73 -5.37 6.84 -12.52
N ASP A 74 -4.37 6.42 -13.28
CA ASP A 74 -4.51 6.10 -14.69
C ASP A 74 -5.76 5.15 -14.83
N PRO A 75 -6.75 5.48 -15.66
CA PRO A 75 -7.96 4.63 -15.75
C PRO A 75 -7.74 3.20 -16.24
N GLU A 76 -6.55 2.89 -16.79
CA GLU A 76 -6.24 1.53 -17.21
C GLU A 76 -5.84 0.68 -15.99
N ILE A 77 -5.60 1.31 -14.85
CA ILE A 77 -5.29 0.58 -13.63
C ILE A 77 -6.53 -0.19 -13.20
N ASN A 78 -6.31 -1.45 -12.86
CA ASN A 78 -7.30 -2.40 -12.39
C ASN A 78 -7.65 -2.09 -10.91
N PRO A 79 -8.92 -1.74 -10.60
CA PRO A 79 -9.28 -1.47 -9.21
C PRO A 79 -9.12 -2.67 -8.26
N GLU A 80 -9.34 -3.92 -8.75
CA GLU A 80 -9.10 -5.11 -7.93
C GLU A 80 -7.61 -5.22 -7.65
N GLY A 81 -6.78 -4.90 -8.64
CA GLY A 81 -5.31 -4.89 -8.48
C GLY A 81 -4.93 -3.86 -7.43
N PHE A 82 -5.54 -2.64 -7.54
CA PHE A 82 -5.29 -1.59 -6.57
C PHE A 82 -5.74 -2.01 -5.14
N CYS A 83 -6.95 -2.55 -5.04
CA CYS A 83 -7.53 -2.98 -3.77
C CYS A 83 -6.68 -4.06 -3.08
N ILE A 84 -6.16 -5.03 -3.86
CA ILE A 84 -5.26 -6.06 -3.34
C ILE A 84 -4.00 -5.39 -2.74
N LEU A 85 -3.44 -4.38 -3.44
CA LEU A 85 -2.26 -3.67 -3.01
C LEU A 85 -2.52 -2.76 -1.80
N LEU A 86 -3.69 -2.12 -1.74
CA LEU A 86 -4.10 -1.29 -0.60
C LEU A 86 -4.28 -2.19 0.64
N ASP A 87 -4.92 -3.34 0.47
CA ASP A 87 -5.07 -4.33 1.54
C ASP A 87 -3.70 -4.79 2.04
N PHE A 88 -2.74 -5.01 1.12
CA PHE A 88 -1.36 -5.39 1.48
C PHE A 88 -0.71 -4.25 2.30
N MET A 89 -0.84 -2.99 1.86
CA MET A 89 -0.29 -1.83 2.58
C MET A 89 -0.77 -1.82 4.03
N TYR A 90 -2.05 -2.09 4.24
CA TYR A 90 -2.64 -2.04 5.58
C TYR A 90 -2.57 -3.32 6.39
N THR A 91 -2.07 -4.44 5.84
CA THR A 91 -2.09 -5.70 6.58
C THR A 91 -0.83 -6.58 6.48
N SER A 92 0.05 -6.33 5.47
N SER A 92 0.05 -6.34 5.48
CA SER A 92 1.26 -7.12 5.14
CA SER A 92 1.26 -7.13 5.16
C SER A 92 0.96 -8.36 4.29
C SER A 92 0.96 -8.37 4.32
N ARG A 93 -0.32 -8.68 4.09
CA ARG A 93 -0.79 -9.84 3.33
C ARG A 93 -1.21 -9.49 1.92
N LEU A 94 -0.65 -10.22 0.95
CA LEU A 94 -0.88 -10.00 -0.46
C LEU A 94 -1.66 -11.20 -0.98
N ASN A 95 -2.90 -10.95 -1.38
CA ASN A 95 -3.77 -12.00 -1.91
C ASN A 95 -3.41 -12.22 -3.40
N LEU A 96 -2.27 -12.90 -3.63
CA LEU A 96 -1.74 -13.15 -4.98
C LEU A 96 -2.24 -14.49 -5.52
N ARG A 97 -2.97 -14.45 -6.64
CA ARG A 97 -3.56 -15.67 -7.22
C ARG A 97 -3.27 -15.74 -8.72
N GLU A 98 -3.45 -16.92 -9.31
CA GLU A 98 -3.25 -17.14 -10.74
C GLU A 98 -4.09 -16.16 -11.58
N GLY A 99 -5.34 -15.94 -11.17
CA GLY A 99 -6.28 -15.07 -11.87
C GLY A 99 -6.01 -13.58 -11.74
N ASN A 100 -5.17 -13.14 -10.78
CA ASN A 100 -4.93 -11.70 -10.60
C ASN A 100 -3.44 -11.28 -10.69
N ILE A 101 -2.50 -12.23 -10.73
CA ILE A 101 -1.06 -11.93 -10.70
C ILE A 101 -0.61 -10.89 -11.77
N MET A 102 -1.09 -11.01 -13.02
CA MET A 102 -0.68 -10.06 -14.07
C MET A 102 -1.13 -8.63 -13.72
N ALA A 103 -2.40 -8.48 -13.22
CA ALA A 103 -2.97 -7.19 -12.83
C ALA A 103 -2.27 -6.66 -11.58
N VAL A 104 -2.01 -7.54 -10.60
CA VAL A 104 -1.30 -7.14 -9.37
C VAL A 104 0.11 -6.65 -9.71
N MET A 105 0.82 -7.38 -10.57
CA MET A 105 2.19 -7.00 -10.98
C MET A 105 2.21 -5.65 -11.68
N ALA A 106 1.32 -5.45 -12.67
CA ALA A 106 1.23 -4.17 -13.39
C ALA A 106 0.92 -2.99 -12.43
N THR A 107 0.03 -3.23 -11.45
CA THR A 107 -0.36 -2.21 -10.47
C THR A 107 0.81 -1.88 -9.54
N ALA A 108 1.54 -2.92 -9.08
CA ALA A 108 2.72 -2.75 -8.23
C ALA A 108 3.85 -2.02 -8.95
N MET A 109 4.00 -2.23 -10.28
CA MET A 109 5.00 -1.53 -11.08
C MET A 109 4.62 -0.05 -11.13
N TYR A 110 3.35 0.24 -11.38
CA TYR A 110 2.80 1.59 -11.39
C TYR A 110 2.95 2.29 -10.02
N LEU A 111 2.64 1.59 -8.94
CA LEU A 111 2.72 2.15 -7.58
C LEU A 111 4.16 2.21 -7.05
N GLN A 112 5.12 1.61 -7.77
CA GLN A 112 6.54 1.53 -7.41
C GLN A 112 6.70 0.78 -6.07
N MET A 113 6.22 -0.46 -6.05
CA MET A 113 6.32 -1.38 -4.88
C MET A 113 7.11 -2.59 -5.38
N GLU A 114 8.45 -2.40 -5.52
CA GLU A 114 9.45 -3.33 -6.06
C GLU A 114 9.47 -4.73 -5.43
N HIS A 115 9.27 -4.82 -4.10
CA HIS A 115 9.19 -6.08 -3.35
C HIS A 115 7.99 -6.92 -3.84
N VAL A 116 6.85 -6.26 -4.15
CA VAL A 116 5.67 -6.95 -4.70
C VAL A 116 5.97 -7.37 -6.16
N VAL A 117 6.59 -6.47 -6.97
CA VAL A 117 6.94 -6.79 -8.38
C VAL A 117 7.86 -8.03 -8.39
N ASP A 118 8.86 -8.04 -7.52
CA ASP A 118 9.83 -9.13 -7.33
C ASP A 118 9.13 -10.48 -7.05
N THR A 119 8.18 -10.52 -6.10
CA THR A 119 7.50 -11.77 -5.79
C THR A 119 6.64 -12.22 -6.97
N CYS A 120 6.03 -11.25 -7.72
CA CYS A 120 5.20 -11.57 -8.88
C CYS A 120 6.05 -12.22 -9.94
N ARG A 121 7.25 -11.66 -10.22
CA ARG A 121 8.18 -12.20 -11.23
C ARG A 121 8.62 -13.62 -10.90
N LYS A 122 8.88 -13.89 -9.60
CA LYS A 122 9.27 -15.20 -9.09
C LYS A 122 8.12 -16.22 -9.28
N PHE A 123 6.88 -15.84 -8.95
CA PHE A 123 5.72 -16.72 -9.11
C PHE A 123 5.44 -17.02 -10.58
N ILE A 124 5.63 -16.01 -11.49
CA ILE A 124 5.45 -16.18 -12.94
C ILE A 124 6.54 -17.13 -13.49
N LYS A 125 7.82 -16.90 -13.13
CA LYS A 125 8.94 -17.74 -13.60
C LYS A 125 8.84 -19.20 -13.14
N ALA A 126 8.25 -19.43 -11.94
CA ALA A 126 8.05 -20.76 -11.39
C ALA A 126 6.98 -21.51 -12.19
N SER A 127 6.01 -20.77 -12.76
CA SER A 127 4.94 -21.31 -13.59
C SER A 127 5.36 -21.60 -15.03
N GLU A 128 6.46 -20.96 -15.50
CA GLU A 128 6.95 -21.12 -16.88
C GLU A 128 8.14 -22.08 -16.99
CA ALA B 1 10.56 -3.35 0.41
C ALA B 1 10.82 -1.90 0.08
N TRP B 2 9.90 -1.03 0.47
CA TRP B 2 10.06 0.39 0.20
C TRP B 2 10.52 1.12 1.45
N VAL B 3 11.62 1.84 1.31
CA VAL B 3 12.20 2.61 2.39
C VAL B 3 12.29 4.06 1.94
N ILE B 4 11.69 4.95 2.72
CA ILE B 4 11.64 6.38 2.43
C ILE B 4 13.02 6.99 2.64
N PRO B 5 13.37 7.99 1.81
CA PRO B 5 14.65 8.69 1.95
C PRO B 5 14.73 9.37 3.32
N ALA B 6 15.90 9.28 3.94
CA ALA C 1 5.84 -10.07 24.33
C ALA C 1 6.99 -9.11 24.15
N TRP C 2 7.72 -8.86 25.22
CA TRP C 2 8.86 -7.97 25.22
C TRP C 2 10.17 -8.74 25.05
N VAL C 3 11.00 -8.28 24.13
CA VAL C 3 12.26 -8.93 23.79
C VAL C 3 13.45 -8.01 23.65
N ILE C 4 14.64 -8.59 23.55
CA ILE C 4 15.86 -7.84 23.32
C ILE C 4 16.00 -7.69 21.80
N PRO C 5 15.96 -6.46 21.31
CA PRO C 5 16.06 -6.25 19.86
C PRO C 5 17.42 -6.62 19.32
N ALA C 6 17.45 -7.15 18.11
C1 EDO D . -4.05 14.32 -11.01
O1 EDO D . -4.57 15.63 -10.92
C2 EDO D . -4.38 13.56 -9.72
O2 EDO D . -5.78 13.46 -9.64
C1 EDO E . 6.70 21.14 -6.76
O1 EDO E . 5.31 21.34 -6.48
C2 EDO E . 7.58 21.26 -5.51
O2 EDO E . 7.20 20.29 -4.53
C1 EDO F . 0.11 -1.31 20.10
O1 EDO F . 0.17 -2.62 20.69
C2 EDO F . 1.09 -0.41 20.83
O2 EDO F . 2.23 -1.22 21.16
C1 EDO G . -11.04 -13.05 -12.20
O1 EDO G . -10.14 -13.83 -12.96
C2 EDO G . -10.32 -12.54 -10.92
O2 EDO G . -11.21 -11.71 -10.17
S DMS H . -6.28 -9.79 3.36
O DMS H . -6.60 -10.58 2.16
C1 DMS H . -5.09 -8.64 2.80
C2 DMS H . -7.64 -8.66 3.53
S DMS I . 0.11 -17.45 -15.07
O DMS I . -0.16 -18.37 -13.96
C1 DMS I . -1.22 -16.29 -15.03
C2 DMS I . 1.41 -16.41 -14.49
#